data_8UFW
#
_entry.id   8UFW
#
_cell.length_a   41.985
_cell.length_b   41.414
_cell.length_c   72.309
_cell.angle_alpha   90.000
_cell.angle_beta   103.968
_cell.angle_gamma   90.000
#
_symmetry.space_group_name_H-M   'P 1 21 1'
#
loop_
_entity.id
_entity.type
_entity.pdbx_description
1 polymer 'Carbonic anhydrase 2'
2 non-polymer 'ZINC ION'
3 non-polymer 4-{[4-(trifluoromethyl)phenyl]carbamamido}benzene-1-sulfonamide
4 non-polymer 'DIMETHYL SULFOXIDE'
5 non-polymer 'SULFATE ION'
6 non-polymer 'CHLORIDE ION'
7 water water
#
_entity_poly.entity_id   1
_entity_poly.type   'polypeptide(L)'
_entity_poly.pdbx_seq_one_letter_code
;MSHHWGYGKHNGPEHWHKDFPIAKGERQSPVDIDTHTAKYDPSLKPLSVSYDQATSLRILNNGHSFQVTFDDSQDKAVLK
GGPLDGTYRLLQFHFHWGSLDGQGSEHTVDKKKYAAELHLVHWNTKYGDVDKALQQPDGLAVLGIFLKVGSAKPGLQKVV
DVLDSIKTEGKSADFTNFDPRGLLPESLDYWTYPGSLTTPPLAEGVTWIVLKEPISVSSEQVLKFRKLNFNGEGEPEELM
VDNWRPAQPLKNRQIKASFK
;
_entity_poly.pdbx_strand_id   A
#
loop_
_chem_comp.id
_chem_comp.type
_chem_comp.name
_chem_comp.formula
CL non-polymer 'CHLORIDE ION' 'Cl -1'
DMS non-polymer 'DIMETHYL SULFOXIDE' 'C2 H6 O S'
SO4 non-polymer 'SULFATE ION' 'O4 S -2'
WJN non-polymer 4-{[4-(trifluoromethyl)phenyl]carbamamido}benzene-1-sulfonamide 'C14 H12 F3 N3 O3 S'
ZN non-polymer 'ZINC ION' 'Zn 2'
#
# COMPACT_ATOMS: atom_id res chain seq x y z
N MET A 1 7.94 -16.08 13.37
CA MET A 1 6.87 -17.07 13.05
C MET A 1 5.84 -17.09 14.18
N SER A 2 6.23 -16.59 15.34
CA SER A 2 5.35 -16.55 16.51
C SER A 2 5.91 -15.56 17.53
N HIS A 3 7.09 -14.98 17.23
CA HIS A 3 7.72 -14.03 18.15
C HIS A 3 7.30 -12.59 17.84
N HIS A 4 6.61 -12.38 16.71
CA HIS A 4 6.21 -11.04 16.30
C HIS A 4 5.09 -11.26 15.29
N TRP A 5 4.20 -10.28 15.08
CA TRP A 5 3.17 -10.41 14.06
C TRP A 5 3.84 -10.61 12.71
N GLY A 6 3.13 -11.33 11.83
CA GLY A 6 3.61 -11.53 10.48
C GLY A 6 2.48 -12.08 9.61
N TYR A 7 2.87 -12.99 8.71
CA TYR A 7 1.96 -13.55 7.72
C TYR A 7 1.88 -15.05 7.71
N GLY A 8 2.50 -15.69 8.70
CA GLY A 8 2.54 -17.14 8.72
C GLY A 8 1.38 -17.73 9.49
N LYS A 9 1.38 -19.05 9.57
CA LYS A 9 0.27 -19.76 10.20
C LYS A 9 0.11 -19.38 11.67
N HIS A 10 1.22 -19.11 12.35
CA HIS A 10 1.19 -18.90 13.78
C HIS A 10 1.23 -17.43 14.17
N ASN A 11 1.38 -16.51 13.20
CA ASN A 11 1.47 -15.10 13.56
C ASN A 11 0.76 -14.22 12.53
N GLY A 12 -0.03 -14.82 11.64
CA GLY A 12 -0.61 -14.11 10.53
C GLY A 12 -1.91 -13.41 10.89
N PRO A 13 -2.59 -12.92 9.83
CA PRO A 13 -3.80 -12.12 9.99
C PRO A 13 -4.89 -12.67 10.89
N GLU A 14 -5.02 -13.99 11.02
CA GLU A 14 -6.03 -14.54 11.89
C GLU A 14 -5.70 -14.37 13.37
N HIS A 15 -4.44 -14.08 13.67
CA HIS A 15 -3.99 -13.89 15.04
C HIS A 15 -3.98 -12.44 15.49
N TRP A 16 -3.99 -11.49 14.54
CA TRP A 16 -3.69 -10.11 14.88
C TRP A 16 -4.66 -9.50 15.89
N HIS A 17 -5.91 -9.94 15.89
CA HIS A 17 -6.92 -9.38 16.77
C HIS A 17 -6.55 -9.52 18.25
N LYS A 18 -5.69 -10.48 18.62
CA LYS A 18 -5.38 -10.67 20.02
C LYS A 18 -4.59 -9.47 20.58
N ASP A 19 -3.65 -8.94 19.83
CA ASP A 19 -2.91 -7.76 20.23
C ASP A 19 -3.57 -6.48 19.76
N PHE A 20 -4.38 -6.55 18.71
CA PHE A 20 -4.98 -5.37 18.10
C PHE A 20 -6.45 -5.67 17.89
N PRO A 21 -7.29 -5.55 18.94
N PRO A 21 -7.27 -5.62 18.97
CA PRO A 21 -8.69 -5.96 18.79
CA PRO A 21 -8.68 -5.96 18.88
C PRO A 21 -9.49 -5.22 17.73
C PRO A 21 -9.51 -5.22 17.83
N ILE A 22 -9.04 -4.03 17.31
N ILE A 22 -9.02 -4.07 17.36
CA ILE A 22 -9.68 -3.31 16.21
CA ILE A 22 -9.68 -3.34 16.28
C ILE A 22 -9.62 -4.12 14.91
C ILE A 22 -9.65 -4.14 14.96
N ALA A 23 -8.82 -5.18 14.86
CA ALA A 23 -8.82 -6.06 13.71
C ALA A 23 -10.21 -6.54 13.36
N LYS A 24 -11.13 -6.62 14.35
CA LYS A 24 -12.50 -7.07 14.14
C LYS A 24 -13.45 -5.87 14.15
N GLY A 25 -12.94 -4.68 13.83
CA GLY A 25 -13.73 -3.47 13.88
C GLY A 25 -14.67 -3.29 12.69
N GLU A 26 -15.23 -2.08 12.64
CA GLU A 26 -16.30 -1.79 11.68
C GLU A 26 -15.77 -1.17 10.39
N ARG A 27 -14.47 -0.82 10.32
CA ARG A 27 -13.95 -0.17 9.12
C ARG A 27 -12.55 -0.67 8.81
N GLN A 28 -12.43 -2.00 8.72
CA GLN A 28 -11.14 -2.62 8.43
C GLN A 28 -10.90 -2.75 6.91
N SER A 29 -9.61 -2.79 6.58
CA SER A 29 -9.14 -2.90 5.20
C SER A 29 -8.19 -4.08 5.12
N PRO A 30 -7.97 -4.65 3.91
CA PRO A 30 -8.65 -4.29 2.67
C PRO A 30 -10.05 -4.86 2.59
N VAL A 31 -10.72 -4.54 1.49
CA VAL A 31 -12.03 -5.09 1.17
C VAL A 31 -12.02 -5.52 -0.29
N ASP A 32 -13.02 -6.34 -0.60
CA ASP A 32 -13.38 -6.62 -1.97
C ASP A 32 -14.21 -5.47 -2.53
N ILE A 33 -13.82 -4.98 -3.68
CA ILE A 33 -14.51 -3.91 -4.38
C ILE A 33 -15.45 -4.59 -5.38
N ASP A 34 -16.72 -4.60 -5.05
CA ASP A 34 -17.75 -5.10 -5.94
C ASP A 34 -18.13 -3.96 -6.87
N THR A 35 -17.70 -4.07 -8.11
CA THR A 35 -17.80 -2.98 -9.08
C THR A 35 -19.24 -2.68 -9.44
N HIS A 36 -20.12 -3.66 -9.26
CA HIS A 36 -21.53 -3.47 -9.54
C HIS A 36 -22.30 -2.84 -8.37
N THR A 37 -21.76 -2.81 -7.17
N THR A 37 -21.75 -2.80 -7.17
CA THR A 37 -22.39 -2.17 -6.04
CA THR A 37 -22.41 -2.17 -6.04
C THR A 37 -21.81 -0.77 -5.82
C THR A 37 -21.73 -0.84 -5.67
N ALA A 38 -20.58 -0.50 -6.26
CA ALA A 38 -19.95 0.79 -6.05
C ALA A 38 -20.79 1.85 -6.76
N LYS A 39 -20.93 2.98 -6.11
CA LYS A 39 -21.78 4.07 -6.58
C LYS A 39 -20.90 5.13 -7.26
N TYR A 40 -21.20 5.45 -8.53
CA TYR A 40 -20.59 6.58 -9.17
C TYR A 40 -21.04 7.85 -8.44
N ASP A 41 -20.08 8.66 -8.03
CA ASP A 41 -20.41 9.89 -7.32
C ASP A 41 -19.94 11.05 -8.17
N PRO A 42 -20.86 11.76 -8.87
N PRO A 42 -20.84 11.66 -8.98
CA PRO A 42 -20.47 12.79 -9.83
CA PRO A 42 -20.46 12.78 -9.85
C PRO A 42 -19.92 14.03 -9.13
C PRO A 42 -19.84 13.97 -9.11
N SER A 43 -20.11 14.11 -7.81
CA SER A 43 -19.56 15.20 -7.03
C SER A 43 -18.11 14.97 -6.56
N LEU A 44 -17.55 13.75 -6.69
CA LEU A 44 -16.14 13.56 -6.40
C LEU A 44 -15.29 14.34 -7.39
N LYS A 45 -14.31 15.06 -6.87
CA LYS A 45 -13.38 15.78 -7.72
C LYS A 45 -12.27 14.87 -8.24
N PRO A 46 -11.56 15.30 -9.33
CA PRO A 46 -10.42 14.54 -9.80
C PRO A 46 -9.43 14.54 -8.68
N LEU A 47 -8.67 13.48 -8.64
CA LEU A 47 -7.60 13.41 -7.70
C LEU A 47 -6.49 14.32 -8.20
N SER A 48 -5.82 15.02 -7.29
CA SER A 48 -4.64 15.79 -7.61
C SER A 48 -3.44 15.13 -6.98
N VAL A 49 -2.56 14.58 -7.79
CA VAL A 49 -1.31 13.96 -7.34
C VAL A 49 -0.19 14.91 -7.76
N SER A 50 0.49 15.50 -6.78
N SER A 50 0.48 15.50 -6.77
CA SER A 50 1.52 16.48 -7.05
CA SER A 50 1.52 16.48 -7.01
C SER A 50 2.84 15.97 -6.47
C SER A 50 2.83 15.94 -6.44
N TYR A 51 3.56 15.20 -7.27
CA TYR A 51 4.77 14.51 -6.85
C TYR A 51 6.08 15.06 -7.44
N ASP A 52 6.01 16.15 -8.20
CA ASP A 52 7.20 16.70 -8.84
C ASP A 52 8.34 17.09 -7.90
N GLN A 53 8.05 17.51 -6.66
CA GLN A 53 9.11 17.91 -5.74
C GLN A 53 9.40 16.86 -4.66
N ALA A 54 8.93 15.64 -4.86
CA ALA A 54 9.11 14.58 -3.89
C ALA A 54 10.58 14.40 -3.55
N THR A 55 10.83 14.19 -2.26
N THR A 55 10.86 14.23 -2.25
CA THR A 55 12.16 14.05 -1.73
CA THR A 55 12.22 14.04 -1.74
C THR A 55 12.30 12.71 -0.99
C THR A 55 12.31 12.71 -1.00
N SER A 56 12.73 11.68 -1.75
CA SER A 56 12.93 10.36 -1.18
C SER A 56 14.19 10.35 -0.31
N LEU A 57 14.21 9.43 0.66
CA LEU A 57 15.31 9.37 1.64
C LEU A 57 15.98 8.00 1.63
N ARG A 58 15.24 6.94 2.03
CA ARG A 58 15.85 5.66 2.30
C ARG A 58 14.90 4.59 1.77
N ILE A 59 15.47 3.39 1.56
CA ILE A 59 14.70 2.19 1.35
C ILE A 59 15.09 1.20 2.43
N LEU A 60 14.06 0.51 2.98
CA LEU A 60 14.22 -0.32 4.18
C LEU A 60 13.46 -1.63 4.01
N ASN A 61 14.06 -2.75 4.42
CA ASN A 61 13.34 -4.01 4.63
C ASN A 61 12.93 -4.04 6.10
N ASN A 62 11.64 -3.91 6.34
CA ASN A 62 11.17 -3.84 7.71
C ASN A 62 10.66 -5.17 8.24
N GLY A 63 10.94 -6.27 7.55
CA GLY A 63 10.52 -7.59 7.97
C GLY A 63 9.11 -7.97 7.57
N HIS A 64 8.34 -7.01 7.00
N HIS A 64 8.38 -7.02 6.96
CA HIS A 64 7.01 -7.31 6.45
CA HIS A 64 7.01 -7.23 6.54
C HIS A 64 6.81 -6.85 5.02
C HIS A 64 6.87 -6.87 5.07
N SER A 65 7.57 -5.90 4.56
N SER A 65 7.60 -5.88 4.63
CA SER A 65 7.62 -5.39 3.20
CA SER A 65 7.66 -5.44 3.25
C SER A 65 8.96 -4.69 3.02
C SER A 65 8.97 -4.71 3.04
N PHE A 66 9.14 -4.06 1.88
CA PHE A 66 10.17 -3.03 1.76
C PHE A 66 9.45 -1.71 1.56
N GLN A 67 10.08 -0.63 2.02
N GLN A 67 10.08 -0.64 2.03
CA GLN A 67 9.44 0.65 2.06
CA GLN A 67 9.45 0.66 2.07
C GLN A 67 10.44 1.72 1.68
C GLN A 67 10.45 1.73 1.67
N VAL A 68 9.96 2.68 0.88
CA VAL A 68 10.72 3.88 0.56
C VAL A 68 10.11 5.05 1.31
N THR A 69 10.95 5.75 2.08
N THR A 69 10.93 5.77 2.11
CA THR A 69 10.53 6.87 2.91
CA THR A 69 10.46 6.85 2.97
C THR A 69 10.86 8.19 2.25
C THR A 69 10.87 8.18 2.33
N PHE A 70 10.02 9.18 2.51
CA PHE A 70 10.15 10.53 1.98
C PHE A 70 10.25 11.53 3.13
N ASP A 71 10.85 12.67 2.82
CA ASP A 71 10.84 13.83 3.71
C ASP A 71 9.45 14.46 3.65
N ASP A 72 8.74 14.46 4.77
CA ASP A 72 7.38 14.98 4.88
C ASP A 72 7.31 16.21 5.79
N SER A 73 8.42 16.91 5.95
CA SER A 73 8.50 18.09 6.83
C SER A 73 7.69 19.26 6.29
N GLN A 74 7.63 19.33 4.94
CA GLN A 74 6.98 20.37 4.15
C GLN A 74 6.05 19.76 3.10
N ASP A 75 5.20 20.57 2.46
CA ASP A 75 4.38 20.12 1.35
C ASP A 75 5.20 19.99 0.06
N LYS A 76 5.82 18.84 -0.15
CA LYS A 76 6.60 18.56 -1.34
C LYS A 76 5.80 17.66 -2.27
N ALA A 77 5.56 16.47 -1.89
CA ALA A 77 4.76 15.51 -2.63
C ALA A 77 3.46 15.36 -1.89
N VAL A 78 2.36 15.76 -2.51
CA VAL A 78 1.08 15.80 -1.84
C VAL A 78 -0.01 15.22 -2.71
N LEU A 79 -1.05 14.78 -2.03
CA LEU A 79 -2.28 14.33 -2.59
C LEU A 79 -3.39 15.21 -2.07
N LYS A 80 -4.26 15.66 -2.99
CA LYS A 80 -5.38 16.54 -2.71
C LYS A 80 -6.54 16.17 -3.62
N GLY A 81 -7.69 16.71 -3.32
CA GLY A 81 -8.85 16.53 -4.17
C GLY A 81 -9.46 15.14 -4.00
N GLY A 82 -10.20 14.71 -5.00
CA GLY A 82 -10.94 13.47 -4.86
C GLY A 82 -11.89 13.54 -3.67
N PRO A 83 -11.87 12.53 -2.79
CA PRO A 83 -12.69 12.55 -1.58
C PRO A 83 -12.06 13.34 -0.44
N LEU A 84 -10.86 13.88 -0.62
CA LEU A 84 -10.09 14.42 0.50
C LEU A 84 -10.41 15.89 0.74
N ASP A 85 -10.40 16.24 2.01
CA ASP A 85 -10.49 17.60 2.44
C ASP A 85 -9.06 17.97 2.85
N GLY A 86 -8.52 19.05 2.31
CA GLY A 86 -7.21 19.52 2.68
C GLY A 86 -6.09 18.77 1.95
N THR A 87 -4.90 18.74 2.56
CA THR A 87 -3.67 18.36 1.88
C THR A 87 -3.06 17.18 2.65
N TYR A 88 -2.64 16.15 1.91
CA TYR A 88 -2.05 14.98 2.50
C TYR A 88 -0.64 14.79 1.95
N ARG A 89 0.35 14.69 2.84
CA ARG A 89 1.73 14.60 2.44
C ARG A 89 2.15 13.13 2.30
N LEU A 90 2.92 12.86 1.24
CA LEU A 90 3.48 11.53 1.03
C LEU A 90 4.56 11.27 2.06
N LEU A 91 4.45 10.15 2.77
CA LEU A 91 5.43 9.71 3.74
C LEU A 91 6.25 8.53 3.24
N GLN A 92 5.59 7.54 2.65
CA GLN A 92 6.27 6.32 2.30
C GLN A 92 5.45 5.57 1.28
N PHE A 93 6.14 4.71 0.51
CA PHE A 93 5.40 3.67 -0.22
C PHE A 93 6.02 2.32 0.06
N HIS A 94 5.17 1.31 -0.16
CA HIS A 94 5.59 -0.07 0.01
C HIS A 94 4.67 -0.94 -0.84
N PHE A 95 4.96 -2.24 -0.84
CA PHE A 95 4.21 -3.19 -1.66
C PHE A 95 3.74 -4.39 -0.83
N HIS A 96 2.74 -5.07 -1.37
CA HIS A 96 2.32 -6.38 -0.91
C HIS A 96 2.29 -7.28 -2.16
N TRP A 97 2.75 -8.52 -2.03
CA TRP A 97 2.83 -9.39 -3.21
C TRP A 97 2.71 -10.84 -2.79
N GLY A 98 2.60 -11.69 -3.83
CA GLY A 98 2.33 -13.09 -3.62
C GLY A 98 3.49 -13.99 -3.96
N SER A 99 3.26 -15.29 -3.71
CA SER A 99 4.17 -16.33 -4.13
C SER A 99 3.92 -16.79 -5.58
N LEU A 100 2.75 -16.51 -6.12
CA LEU A 100 2.34 -16.82 -7.48
C LEU A 100 1.61 -15.62 -8.03
N ASP A 101 1.46 -15.50 -9.34
CA ASP A 101 0.98 -14.26 -9.94
C ASP A 101 -0.52 -14.04 -9.72
N GLY A 102 -1.28 -15.06 -9.29
CA GLY A 102 -2.69 -14.91 -9.04
C GLY A 102 -3.07 -14.53 -7.62
N GLN A 103 -2.09 -14.15 -6.80
CA GLN A 103 -2.37 -13.64 -5.49
C GLN A 103 -1.28 -12.62 -5.15
N GLY A 104 -1.59 -11.78 -4.18
CA GLY A 104 -0.63 -10.79 -3.69
C GLY A 104 -1.27 -9.48 -3.34
N SER A 105 -2.33 -9.09 -4.06
CA SER A 105 -2.98 -7.85 -3.72
C SER A 105 -3.80 -8.00 -2.45
N GLU A 106 -4.04 -6.89 -1.78
CA GLU A 106 -4.86 -6.81 -0.58
C GLU A 106 -6.30 -6.54 -0.98
N HIS A 107 -6.54 -5.43 -1.64
CA HIS A 107 -7.85 -5.23 -2.25
C HIS A 107 -8.03 -6.24 -3.38
N THR A 108 -9.30 -6.56 -3.61
CA THR A 108 -9.71 -7.38 -4.75
C THR A 108 -10.77 -6.62 -5.49
N VAL A 109 -10.98 -7.02 -6.76
CA VAL A 109 -11.94 -6.34 -7.62
C VAL A 109 -12.85 -7.42 -8.16
N ASP A 110 -14.10 -7.45 -7.71
CA ASP A 110 -15.00 -8.54 -8.05
C ASP A 110 -14.33 -9.90 -7.77
N LYS A 111 -13.67 -9.97 -6.62
CA LYS A 111 -12.95 -11.09 -6.08
C LYS A 111 -11.63 -11.40 -6.79
N LYS A 112 -11.30 -10.65 -7.83
CA LYS A 112 -10.05 -10.83 -8.53
C LYS A 112 -8.88 -10.33 -7.68
N LYS A 113 -7.87 -11.20 -7.52
CA LYS A 113 -6.60 -10.84 -6.87
C LYS A 113 -5.58 -10.51 -7.95
N TYR A 114 -4.82 -9.45 -7.73
CA TYR A 114 -3.70 -9.08 -8.59
C TYR A 114 -2.42 -9.64 -7.98
N ALA A 115 -1.34 -9.58 -8.77
CA ALA A 115 -0.04 -10.11 -8.39
C ALA A 115 0.58 -9.35 -7.25
N ALA A 116 0.25 -8.07 -7.12
CA ALA A 116 0.81 -7.22 -6.09
C ALA A 116 -0.04 -5.97 -5.98
N GLU A 117 0.26 -5.20 -4.93
CA GLU A 117 -0.41 -3.91 -4.69
C GLU A 117 0.61 -2.95 -4.09
N LEU A 118 0.66 -1.76 -4.68
CA LEU A 118 1.47 -0.65 -4.23
C LEU A 118 0.61 0.27 -3.38
N HIS A 119 1.12 0.65 -2.22
CA HIS A 119 0.49 1.59 -1.31
C HIS A 119 1.37 2.83 -1.13
N LEU A 120 0.85 3.97 -1.60
CA LEU A 120 1.49 5.27 -1.39
C LEU A 120 0.73 5.92 -0.23
N VAL A 121 1.46 6.10 0.87
CA VAL A 121 0.86 6.46 2.16
C VAL A 121 1.06 7.95 2.47
N HIS A 122 -0.05 8.62 2.74
CA HIS A 122 -0.02 10.05 2.96
C HIS A 122 -0.74 10.37 4.25
N TRP A 123 -0.35 11.49 4.91
CA TRP A 123 -1.02 11.93 6.12
C TRP A 123 -1.51 13.36 6.01
N ASN A 124 -2.59 13.62 6.77
CA ASN A 124 -3.33 14.87 6.71
C ASN A 124 -2.57 15.95 7.46
N THR A 125 -2.18 17.00 6.74
CA THR A 125 -1.33 18.05 7.32
C THR A 125 -2.00 18.80 8.45
N LYS A 126 -3.33 18.73 8.56
CA LYS A 126 -3.98 19.45 9.64
C LYS A 126 -3.59 18.86 11.02
N TYR A 127 -2.98 17.67 11.06
CA TYR A 127 -2.59 17.04 12.32
C TYR A 127 -1.09 17.16 12.58
N GLY A 128 -0.35 17.81 11.68
CA GLY A 128 1.00 18.22 12.01
C GLY A 128 2.13 17.18 11.91
N ASP A 129 1.85 15.93 12.29
CA ASP A 129 2.80 14.87 12.09
C ASP A 129 2.04 13.57 11.93
N VAL A 130 2.72 12.55 11.40
CA VAL A 130 2.06 11.29 11.13
C VAL A 130 1.58 10.60 12.40
N ASP A 131 2.36 10.71 13.51
CA ASP A 131 1.98 10.04 14.74
C ASP A 131 0.61 10.55 15.22
N LYS A 132 0.40 11.86 15.15
N LYS A 132 0.39 11.88 15.15
CA LYS A 132 -0.88 12.42 15.52
CA LYS A 132 -0.89 12.45 15.52
C LYS A 132 -1.96 12.03 14.50
C LYS A 132 -1.97 12.06 14.51
N ALA A 133 -1.62 12.08 13.23
CA ALA A 133 -2.56 11.72 12.17
C ALA A 133 -3.10 10.31 12.36
N LEU A 134 -2.23 9.38 12.80
CA LEU A 134 -2.60 8.00 13.00
C LEU A 134 -3.68 7.81 14.07
N GLN A 135 -3.95 8.83 14.87
CA GLN A 135 -4.96 8.74 15.91
C GLN A 135 -6.30 9.34 15.49
N GLN A 136 -6.40 9.76 14.25
CA GLN A 136 -7.59 10.45 13.76
C GLN A 136 -8.33 9.62 12.73
N PRO A 137 -9.66 9.82 12.64
CA PRO A 137 -10.42 9.02 11.68
C PRO A 137 -10.21 9.41 10.22
N ASP A 138 -9.65 10.62 9.98
CA ASP A 138 -9.31 11.12 8.67
C ASP A 138 -7.84 11.50 8.62
N GLY A 139 -7.00 10.74 9.30
CA GLY A 139 -5.61 11.09 9.39
C GLY A 139 -4.76 10.73 8.19
N LEU A 140 -5.14 9.66 7.48
CA LEU A 140 -4.29 9.11 6.42
C LEU A 140 -5.11 8.95 5.15
N ALA A 141 -4.37 8.99 4.03
CA ALA A 141 -4.93 8.62 2.73
C ALA A 141 -3.92 7.71 2.07
N VAL A 142 -4.37 6.52 1.64
CA VAL A 142 -3.49 5.59 0.96
C VAL A 142 -4.00 5.43 -0.45
N LEU A 143 -3.10 5.70 -1.41
CA LEU A 143 -3.35 5.48 -2.81
C LEU A 143 -2.87 4.07 -3.14
N GLY A 144 -3.82 3.20 -3.50
CA GLY A 144 -3.53 1.82 -3.83
C GLY A 144 -3.55 1.60 -5.32
N ILE A 145 -2.53 0.91 -5.81
CA ILE A 145 -2.36 0.65 -7.23
C ILE A 145 -2.05 -0.83 -7.40
N PHE A 146 -2.84 -1.49 -8.24
CA PHE A 146 -2.64 -2.92 -8.52
C PHE A 146 -1.50 -3.09 -9.51
N LEU A 147 -0.78 -4.21 -9.35
CA LEU A 147 0.23 -4.64 -10.28
C LEU A 147 -0.20 -5.98 -10.92
N LYS A 148 -0.08 -6.03 -12.23
CA LYS A 148 -0.23 -7.26 -13.02
C LYS A 148 1.06 -7.47 -13.78
N VAL A 149 1.28 -8.72 -14.17
CA VAL A 149 2.47 -9.01 -14.90
C VAL A 149 2.28 -8.78 -16.42
N GLY A 150 3.18 -7.99 -16.99
CA GLY A 150 3.19 -7.72 -18.41
C GLY A 150 4.54 -7.15 -18.79
N SER A 151 4.56 -6.03 -19.50
N SER A 151 4.51 -5.99 -19.43
CA SER A 151 5.82 -5.38 -19.77
CA SER A 151 5.69 -5.23 -19.75
C SER A 151 6.34 -4.73 -18.49
C SER A 151 6.32 -4.65 -18.49
N ALA A 152 7.63 -4.46 -18.50
CA ALA A 152 8.31 -3.82 -17.37
C ALA A 152 7.77 -2.43 -17.18
N LYS A 153 7.74 -2.01 -15.91
CA LYS A 153 7.45 -0.62 -15.55
C LYS A 153 8.76 0.12 -15.31
N PRO A 154 9.16 1.02 -16.22
CA PRO A 154 10.49 1.57 -16.12
C PRO A 154 10.73 2.33 -14.83
N GLY A 155 9.68 3.00 -14.32
CA GLY A 155 9.78 3.79 -13.10
C GLY A 155 9.94 2.94 -11.87
N LEU A 156 9.74 1.61 -11.97
CA LEU A 156 9.94 0.71 -10.85
C LEU A 156 11.36 0.13 -10.84
N GLN A 157 12.08 0.27 -11.94
CA GLN A 157 13.32 -0.46 -12.06
C GLN A 157 14.39 -0.01 -11.04
N LYS A 158 14.47 1.28 -10.70
CA LYS A 158 15.45 1.69 -9.72
C LYS A 158 15.20 1.06 -8.36
N VAL A 159 13.93 0.80 -8.01
CA VAL A 159 13.59 0.08 -6.80
C VAL A 159 14.10 -1.37 -6.88
N VAL A 160 13.77 -2.06 -7.98
CA VAL A 160 14.16 -3.44 -8.17
C VAL A 160 15.67 -3.62 -8.06
N ASP A 161 16.42 -2.65 -8.63
CA ASP A 161 17.86 -2.69 -8.70
C ASP A 161 18.52 -2.66 -7.32
N VAL A 162 17.86 -2.14 -6.31
N VAL A 162 17.89 -2.12 -6.30
CA VAL A 162 18.46 -1.98 -5.00
CA VAL A 162 18.55 -2.04 -5.01
C VAL A 162 18.08 -3.12 -4.05
C VAL A 162 18.08 -3.12 -4.04
N LEU A 163 17.13 -3.98 -4.41
CA LEU A 163 16.58 -4.93 -3.45
C LEU A 163 17.63 -5.91 -2.93
N ASP A 164 18.61 -6.24 -3.76
CA ASP A 164 19.64 -7.15 -3.30
C ASP A 164 20.48 -6.58 -2.16
N SER A 165 20.42 -5.26 -1.97
CA SER A 165 21.14 -4.62 -0.86
C SER A 165 20.33 -4.55 0.44
N ILE A 166 19.06 -4.94 0.41
CA ILE A 166 18.21 -4.94 1.59
C ILE A 166 17.51 -6.27 1.78
N LYS A 167 18.26 -7.38 1.57
CA LYS A 167 17.62 -8.69 1.51
C LYS A 167 16.88 -9.07 2.80
N THR A 168 17.44 -8.70 3.96
CA THR A 168 16.93 -9.18 5.23
C THR A 168 16.44 -8.03 6.11
N GLU A 169 15.59 -8.41 7.06
CA GLU A 169 14.98 -7.49 7.98
C GLU A 169 16.01 -6.59 8.66
N GLY A 170 15.71 -5.31 8.62
CA GLY A 170 16.52 -4.28 9.28
C GLY A 170 17.52 -3.60 8.36
N LYS A 171 17.76 -4.15 7.19
N LYS A 171 17.76 -4.15 7.19
CA LYS A 171 18.69 -3.52 6.28
CA LYS A 171 18.69 -3.53 6.27
C LYS A 171 18.03 -2.35 5.57
C LYS A 171 18.03 -2.35 5.57
N SER A 172 18.81 -1.27 5.42
CA SER A 172 18.38 -0.08 4.69
C SER A 172 19.48 0.35 3.73
N ALA A 173 19.11 1.23 2.81
CA ALA A 173 20.06 1.83 1.86
C ALA A 173 19.60 3.23 1.49
N ASP A 174 20.54 4.03 1.03
CA ASP A 174 20.20 5.34 0.50
C ASP A 174 19.26 5.19 -0.68
N PHE A 175 18.24 6.05 -0.76
CA PHE A 175 17.33 5.96 -1.89
C PHE A 175 16.84 7.35 -2.18
N THR A 176 17.79 8.27 -2.37
CA THR A 176 17.48 9.65 -2.72
C THR A 176 17.24 9.80 -4.23
N ASN A 177 16.58 10.88 -4.60
CA ASN A 177 16.35 11.25 -5.98
C ASN A 177 15.46 10.25 -6.70
N PHE A 178 14.53 9.61 -6.00
CA PHE A 178 13.57 8.73 -6.66
C PHE A 178 12.27 9.50 -6.91
N ASP A 179 11.77 9.36 -8.14
CA ASP A 179 10.58 10.05 -8.58
C ASP A 179 9.39 9.09 -8.58
N PRO A 180 8.43 9.22 -7.64
CA PRO A 180 7.30 8.29 -7.59
C PRO A 180 6.27 8.50 -8.67
N ARG A 181 6.39 9.55 -9.49
CA ARG A 181 5.48 9.70 -10.61
C ARG A 181 5.58 8.52 -11.57
N GLY A 182 6.73 7.86 -11.61
CA GLY A 182 6.95 6.75 -12.50
C GLY A 182 6.25 5.46 -12.09
N LEU A 183 5.55 5.47 -10.97
CA LEU A 183 4.82 4.30 -10.52
C LEU A 183 3.33 4.32 -10.85
N LEU A 184 2.83 5.42 -11.43
CA LEU A 184 1.41 5.59 -11.61
C LEU A 184 0.96 5.07 -12.98
N PRO A 185 -0.29 4.56 -13.07
CA PRO A 185 -0.87 4.23 -14.36
C PRO A 185 -1.29 5.51 -15.08
N GLU A 186 -1.81 5.40 -16.30
CA GLU A 186 -2.25 6.54 -17.08
C GLU A 186 -3.44 7.21 -16.43
N SER A 187 -4.47 6.43 -16.05
CA SER A 187 -5.72 6.96 -15.52
C SER A 187 -5.65 7.13 -14.02
N LEU A 188 -6.29 8.19 -13.52
CA LEU A 188 -6.48 8.36 -12.09
C LEU A 188 -7.91 8.05 -11.67
N ASP A 189 -8.68 7.33 -12.48
CA ASP A 189 -9.98 6.91 -12.05
C ASP A 189 -9.82 5.98 -10.83
N TYR A 190 -10.75 6.09 -9.87
CA TYR A 190 -10.58 5.41 -8.61
C TYR A 190 -11.90 5.02 -7.95
N TRP A 191 -11.75 4.09 -7.03
CA TRP A 191 -12.75 3.82 -6.01
C TRP A 191 -12.26 4.36 -4.68
N THR A 192 -13.20 4.72 -3.80
CA THR A 192 -12.79 5.23 -2.48
C THR A 192 -13.77 4.73 -1.42
N TYR A 193 -13.22 4.52 -0.22
CA TYR A 193 -14.03 4.09 0.91
C TYR A 193 -13.23 4.35 2.18
N PRO A 194 -13.92 4.45 3.33
CA PRO A 194 -13.22 4.64 4.60
C PRO A 194 -12.76 3.30 5.19
N GLY A 195 -11.51 3.20 5.55
CA GLY A 195 -10.98 1.99 6.08
C GLY A 195 -9.84 2.18 7.08
N SER A 196 -8.88 1.26 7.04
CA SER A 196 -7.89 1.10 8.06
C SER A 196 -6.51 0.87 7.45
N LEU A 197 -5.49 0.90 8.31
CA LEU A 197 -4.23 0.28 7.95
C LEU A 197 -4.45 -1.21 7.78
N THR A 198 -3.71 -1.83 6.86
CA THR A 198 -3.83 -3.26 6.64
C THR A 198 -2.77 -4.07 7.37
N THR A 199 -1.92 -3.41 8.16
CA THR A 199 -1.01 -4.06 9.08
C THR A 199 -1.19 -3.46 10.46
N PRO A 200 -0.75 -4.16 11.51
CA PRO A 200 -0.79 -3.57 12.86
C PRO A 200 -0.16 -2.19 12.82
N PRO A 201 -0.78 -1.22 13.52
CA PRO A 201 -1.88 -1.39 14.49
C PRO A 201 -3.30 -1.41 13.94
N LEU A 202 -3.47 -1.46 12.60
CA LEU A 202 -4.80 -1.64 12.01
C LEU A 202 -5.72 -0.44 12.31
N ALA A 203 -5.11 0.73 12.50
CA ALA A 203 -5.85 1.92 12.91
C ALA A 203 -6.88 2.31 11.86
N GLU A 204 -8.07 2.68 12.32
CA GLU A 204 -9.20 3.03 11.48
C GLU A 204 -9.23 4.50 11.12
N GLY A 205 -8.23 4.91 10.37
CA GLY A 205 -8.03 6.29 10.04
C GLY A 205 -7.65 6.59 8.62
N VAL A 206 -7.95 5.66 7.70
CA VAL A 206 -7.51 5.78 6.32
C VAL A 206 -8.69 6.06 5.40
N THR A 207 -8.52 7.06 4.52
CA THR A 207 -9.33 7.19 3.33
C THR A 207 -8.58 6.42 2.23
N TRP A 208 -9.18 5.33 1.76
CA TRP A 208 -8.57 4.53 0.69
C TRP A 208 -9.00 5.11 -0.65
N ILE A 209 -8.01 5.19 -1.54
CA ILE A 209 -8.21 5.61 -2.93
C ILE A 209 -7.52 4.54 -3.74
N VAL A 210 -8.31 3.67 -4.40
CA VAL A 210 -7.79 2.52 -5.13
C VAL A 210 -7.99 2.80 -6.60
N LEU A 211 -6.90 2.85 -7.35
CA LEU A 211 -6.98 3.16 -8.77
C LEU A 211 -7.54 1.96 -9.55
N LYS A 212 -8.40 2.28 -10.51
CA LYS A 212 -9.00 1.26 -11.35
C LYS A 212 -7.99 0.60 -12.28
N GLU A 213 -7.05 1.36 -12.83
CA GLU A 213 -6.13 0.84 -13.82
C GLU A 213 -4.91 0.24 -13.13
N PRO A 214 -4.58 -1.04 -13.36
N PRO A 214 -4.64 -1.07 -13.25
CA PRO A 214 -3.35 -1.57 -12.82
CA PRO A 214 -3.37 -1.61 -12.79
C PRO A 214 -2.16 -1.02 -13.59
C PRO A 214 -2.18 -1.11 -13.59
N ILE A 215 -0.99 -1.12 -12.98
CA ILE A 215 0.25 -0.99 -13.73
C ILE A 215 0.72 -2.38 -14.08
N SER A 216 1.42 -2.49 -15.20
N SER A 216 1.46 -2.45 -15.18
CA SER A 216 2.07 -3.73 -15.58
CA SER A 216 2.10 -3.68 -15.61
C SER A 216 3.53 -3.67 -15.14
C SER A 216 3.56 -3.67 -15.14
N VAL A 217 4.03 -4.80 -14.60
CA VAL A 217 5.40 -4.96 -14.23
C VAL A 217 5.87 -6.24 -14.87
N SER A 218 7.18 -6.39 -15.07
CA SER A 218 7.64 -7.61 -15.74
C SER A 218 7.79 -8.77 -14.76
N SER A 219 7.86 -9.97 -15.33
N SER A 219 7.82 -9.98 -15.31
N SER A 219 7.82 -9.98 -15.32
CA SER A 219 8.10 -11.17 -14.55
CA SER A 219 8.08 -11.16 -14.52
CA SER A 219 8.16 -11.18 -14.59
C SER A 219 9.40 -11.03 -13.76
C SER A 219 9.39 -11.02 -13.75
C SER A 219 9.41 -11.00 -13.75
N GLU A 220 10.42 -10.43 -14.38
CA GLU A 220 11.71 -10.27 -13.71
C GLU A 220 11.62 -9.30 -12.55
N GLN A 221 10.82 -8.24 -12.69
CA GLN A 221 10.62 -7.32 -11.58
C GLN A 221 9.96 -8.05 -10.40
N VAL A 222 8.88 -8.80 -10.62
N VAL A 222 8.88 -8.80 -10.65
CA VAL A 222 8.23 -9.45 -9.48
CA VAL A 222 8.19 -9.50 -9.58
C VAL A 222 9.15 -10.52 -8.88
C VAL A 222 9.13 -10.51 -8.91
N LEU A 223 9.89 -11.23 -9.73
CA LEU A 223 10.78 -12.24 -9.17
C LEU A 223 11.78 -11.65 -8.20
N LYS A 224 12.22 -10.41 -8.44
CA LYS A 224 13.14 -9.76 -7.54
C LYS A 224 12.46 -9.44 -6.19
N PHE A 225 11.18 -9.07 -6.20
CA PHE A 225 10.48 -8.91 -4.94
C PHE A 225 10.51 -10.18 -4.10
N ARG A 226 10.33 -11.31 -4.79
CA ARG A 226 10.18 -12.58 -4.12
C ARG A 226 11.49 -13.16 -3.59
N LYS A 227 12.61 -12.50 -3.84
CA LYS A 227 13.90 -12.88 -3.29
C LYS A 227 14.19 -12.23 -1.95
N LEU A 228 13.41 -11.24 -1.58
CA LEU A 228 13.57 -10.65 -0.26
C LEU A 228 13.27 -11.71 0.82
N ASN A 229 13.73 -11.43 2.03
CA ASN A 229 13.52 -12.29 3.18
C ASN A 229 12.76 -11.60 4.28
N PHE A 230 11.85 -12.33 4.94
CA PHE A 230 11.19 -11.86 6.15
C PHE A 230 12.18 -11.79 7.32
N ASN A 231 13.06 -12.76 7.38
CA ASN A 231 13.94 -12.98 8.50
C ASN A 231 15.08 -11.94 8.48
N GLY A 232 15.71 -11.80 9.64
CA GLY A 232 16.94 -11.03 9.74
C GLY A 232 18.12 -11.89 9.32
N GLU A 233 19.26 -11.26 9.12
CA GLU A 233 20.48 -11.95 8.74
C GLU A 233 20.85 -12.98 9.82
N GLY A 234 21.20 -14.18 9.41
CA GLY A 234 21.61 -15.25 10.30
C GLY A 234 20.48 -16.19 10.73
N GLU A 235 19.22 -15.83 10.48
CA GLU A 235 18.09 -16.63 10.88
C GLU A 235 17.73 -17.53 9.72
N PRO A 236 16.92 -18.59 9.94
CA PRO A 236 16.48 -19.43 8.84
C PRO A 236 15.78 -18.60 7.76
N GLU A 237 16.08 -18.92 6.49
CA GLU A 237 15.62 -18.07 5.38
C GLU A 237 14.15 -18.38 5.14
N GLU A 238 13.33 -17.33 5.20
CA GLU A 238 11.90 -17.40 4.94
C GLU A 238 11.63 -16.31 3.91
N LEU A 239 11.40 -16.67 2.65
CA LEU A 239 11.20 -15.71 1.60
C LEU A 239 10.00 -14.84 1.94
N MET A 240 10.17 -13.56 1.64
CA MET A 240 9.14 -12.57 1.79
C MET A 240 8.22 -12.65 0.58
N VAL A 241 7.15 -13.42 0.78
CA VAL A 241 6.07 -13.63 -0.19
C VAL A 241 4.78 -13.77 0.60
N ASP A 242 3.67 -13.43 -0.05
CA ASP A 242 2.38 -13.56 0.56
C ASP A 242 2.24 -12.70 1.82
N ASN A 243 2.69 -11.45 1.69
CA ASN A 243 2.63 -10.46 2.76
C ASN A 243 1.42 -9.57 2.56
N TRP A 244 0.27 -10.19 2.40
CA TRP A 244 -0.99 -9.51 2.17
C TRP A 244 -2.02 -9.97 3.19
N ARG A 245 -2.87 -9.05 3.62
CA ARG A 245 -4.01 -9.34 4.45
C ARG A 245 -5.19 -9.61 3.53
N PRO A 246 -6.04 -10.60 3.80
N PRO A 246 -5.98 -10.68 3.76
CA PRO A 246 -7.18 -10.82 2.93
CA PRO A 246 -7.23 -10.92 3.02
C PRO A 246 -8.28 -9.79 3.18
C PRO A 246 -8.30 -9.85 3.22
N ALA A 247 -9.26 -9.81 2.29
CA ALA A 247 -10.39 -8.90 2.39
C ALA A 247 -11.15 -9.12 3.68
N GLN A 248 -11.59 -8.00 4.24
CA GLN A 248 -12.31 -7.90 5.50
C GLN A 248 -13.75 -7.53 5.26
N PRO A 249 -14.63 -7.75 6.24
CA PRO A 249 -16.04 -7.46 6.03
C PRO A 249 -16.28 -5.97 5.74
N LEU A 250 -17.11 -5.67 4.74
CA LEU A 250 -17.45 -4.30 4.39
C LEU A 250 -18.30 -3.64 5.47
N LYS A 251 -19.15 -4.40 6.16
N LYS A 251 -19.13 -4.39 6.22
CA LYS A 251 -19.96 -3.83 7.24
CA LYS A 251 -19.99 -3.79 7.24
C LYS A 251 -20.77 -2.67 6.69
C LYS A 251 -20.94 -2.87 6.45
N ASN A 252 -20.84 -1.56 7.41
N ASN A 252 -21.53 -1.77 6.95
CA ASN A 252 -21.76 -0.49 7.00
CA ASN A 252 -22.44 -0.95 6.14
C ASN A 252 -20.98 0.49 6.12
C ASN A 252 -21.72 0.16 5.34
N ARG A 253 -20.42 0.00 4.96
CA ARG A 253 -19.73 0.97 4.16
C ARG A 253 -20.14 0.92 2.70
N GLN A 254 -20.09 2.09 2.09
CA GLN A 254 -20.31 2.30 0.69
C GLN A 254 -18.99 2.62 0.02
N ILE A 255 -18.72 1.93 -1.07
CA ILE A 255 -17.62 2.27 -1.92
C ILE A 255 -18.15 3.18 -3.03
N LYS A 256 -17.45 4.27 -3.28
CA LYS A 256 -17.79 5.22 -4.29
C LYS A 256 -16.79 5.13 -5.42
N ALA A 257 -17.28 5.40 -6.63
CA ALA A 257 -16.44 5.43 -7.82
C ALA A 257 -16.39 6.83 -8.39
N SER A 258 -15.22 7.18 -8.92
CA SER A 258 -15.03 8.50 -9.53
C SER A 258 -15.45 8.53 -10.99
N PHE A 259 -15.86 7.38 -11.53
CA PHE A 259 -16.04 7.17 -12.97
C PHE A 259 -17.28 6.32 -13.17
N LYS A 260 -17.89 6.46 -14.35
CA LYS A 260 -19.01 5.61 -14.72
C LYS A 260 -18.44 4.57 -15.70
ZN ZN B . 0.21 -1.59 2.57
C13 WJN C . 0.87 2.81 6.86
C15 WJN C . 4.32 5.07 10.39
C17 WJN C . 5.37 6.48 11.98
C24 WJN C . 5.24 5.43 9.42
O01 WJN C . 3.13 4.29 7.90
C02 WJN C . 2.80 3.77 8.95
N03 WJN C . 1.92 2.66 9.08
C04 WJN C . 1.21 2.09 8.00
C05 WJN C . 0.80 0.75 8.08
C06 WJN C . 0.07 0.16 7.06
C07 WJN C . -0.19 0.87 5.93
S08 WJN C . -1.14 0.19 4.61
O09 WJN C . -0.86 1.03 3.45
N10 WJN C . -0.58 -1.27 4.36
O11 WJN C . -2.48 0.12 5.11
C12 WJN C . 0.20 2.19 5.88
N14 WJN C . 3.33 4.09 10.18
C16 WJN C . 4.40 5.56 11.65
C18 WJN C . 6.30 6.91 10.99
C19 WJN C . 7.46 7.96 11.36
F20 WJN C . 7.08 8.65 12.48
F21 WJN C . 7.57 8.83 10.38
F22 WJN C . 8.70 7.39 11.47
C23 WJN C . 6.23 6.36 9.72
S DMS D . -1.53 -14.24 2.99
O DMS D . -3.05 -14.04 3.24
C1 DMS D . -1.25 -15.93 2.63
C2 DMS D . -0.88 -14.16 4.60
S SO4 E . -7.05 -6.45 -15.47
O1 SO4 E . -5.79 -7.11 -15.29
O2 SO4 E . -7.22 -6.13 -16.86
O3 SO4 E . -8.12 -7.35 -15.10
O4 SO4 E . -7.20 -5.27 -14.68
S SO4 F . 23.92 3.59 2.72
O1 SO4 F . 23.49 2.74 3.80
O2 SO4 F . 25.35 3.45 2.56
O3 SO4 F . 23.25 3.22 1.46
O4 SO4 F . 23.62 4.95 3.08
CL CL G . 7.86 -15.47 15.37
#